data_5WVH
#
_entry.id   5WVH
#
_cell.length_a   71.011
_cell.length_b   71.011
_cell.length_c   173.377
_cell.angle_alpha   90.00
_cell.angle_beta   90.00
_cell.angle_gamma   90.00
#
_symmetry.space_group_name_H-M   'P 41 21 2'
#
loop_
_entity.id
_entity.type
_entity.pdbx_description
1 polymer Chitinase
2 branched 2-acetamido-2-deoxy-beta-D-glucopyranose-(1-4)-2-acetamido-2-deoxy-beta-D-glucopyranose-(1-4)-2-acetamido-2-deoxy-beta-D-glucopyranose
3 non-polymer 2-acetamido-2-deoxy-beta-D-glucopyranose
#
_entity_poly.entity_id   1
_entity_poly.type   'polypeptide(L)'
_entity_poly.pdbx_seq_one_letter_code
;EPQVLCYLTSWSSKRPSAGRFMPENVDPTLCTHVIYAFATLKDHKLTEADEKDADMYDKVVALREKNPNLKILLAIGGWA
FGSTPFKELTSNVFRMNQFVYEAIEFLRDYQFNGLDVDWEYPRGADDRAAFVSLLKELRLAFEGEAKTSGQPRLLLTAAV
PASFEAIAAGYDVPEISKYLDFINVMTYDFHGQWERQVGHNSPLFPLESATSYQKKLTVDYSAREWVRQGAPKEKLMIGM
PTYGRSFTLINDTQFDIGAPASGGGQAGRFTNEAGFMSYYEICEFLREDNTTLVWDNEQMVPFAYREDQWVGFDDERSLK
TKMAWLKEEGFGGIMVWSVDMDDFRGSCGTGKYPLITAMKQELSGYKVKLEYDGPYESSSPTGQYTTKDPHEVTCEEEDG
HISYHKDHADCTMYYMCEGERKHHMPCPSNLVFNPNENVCDWPENVEGCQQHTQAPAAKR
;
_entity_poly.pdbx_strand_id   A
#
loop_
_chem_comp.id
_chem_comp.type
_chem_comp.name
_chem_comp.formula
NAG D-saccharide, beta linking 2-acetamido-2-deoxy-beta-D-glucopyranose 'C8 H15 N O6'
#
# COMPACT_ATOMS: atom_id res chain seq x y z
N GLU A 1 16.98 -11.19 4.49
CA GLU A 1 16.27 -11.07 3.22
C GLU A 1 14.95 -10.29 3.31
N PRO A 2 14.91 -9.18 4.08
CA PRO A 2 13.61 -8.51 4.16
C PRO A 2 13.30 -7.72 2.89
N GLN A 3 12.11 -7.90 2.35
CA GLN A 3 11.73 -7.23 1.11
C GLN A 3 11.05 -5.89 1.39
N VAL A 4 11.24 -4.95 0.48
CA VAL A 4 10.62 -3.64 0.59
C VAL A 4 9.91 -3.29 -0.72
N LEU A 5 8.59 -3.48 -0.75
CA LEU A 5 7.82 -3.24 -1.96
C LEU A 5 7.16 -1.87 -1.92
N CYS A 6 7.56 -1.00 -2.86
CA CYS A 6 7.08 0.38 -2.87
C CYS A 6 6.15 0.67 -4.02
N TYR A 7 4.93 1.09 -3.69
CA TYR A 7 3.98 1.53 -4.70
C TYR A 7 4.31 2.92 -5.23
N LEU A 8 4.34 3.04 -6.55
CA LEU A 8 4.48 4.34 -7.19
C LEU A 8 3.19 4.66 -7.95
N THR A 9 2.54 5.75 -7.56
CA THR A 9 1.28 6.16 -8.19
C THR A 9 1.56 6.96 -9.47
N SER A 10 0.77 6.69 -10.50
CA SER A 10 0.97 7.35 -11.80
C SER A 10 0.49 8.78 -11.78
N TRP A 11 -0.50 9.08 -10.94
CA TRP A 11 -1.13 10.40 -10.94
C TRP A 11 -0.37 11.42 -10.10
N SER A 12 0.71 10.98 -9.44
CA SER A 12 1.55 11.89 -8.69
C SER A 12 2.33 12.79 -9.63
N SER A 13 2.47 12.35 -10.88
CA SER A 13 3.17 13.12 -11.91
C SER A 13 2.36 14.33 -12.35
N LYS A 14 1.10 14.37 -11.93
CA LYS A 14 0.21 15.47 -12.30
C LYS A 14 0.03 16.45 -11.15
N ARG A 15 0.88 16.30 -10.13
CA ARG A 15 0.86 17.14 -8.94
C ARG A 15 1.36 18.55 -9.24
N PRO A 16 0.87 19.54 -8.51
CA PRO A 16 1.32 20.91 -8.77
C PRO A 16 2.67 21.20 -8.14
N SER A 17 3.60 21.70 -8.96
CA SER A 17 4.93 22.07 -8.50
C SER A 17 5.63 20.94 -7.73
N ALA A 18 6.35 21.34 -6.68
CA ALA A 18 7.22 20.50 -5.90
C ALA A 18 6.65 19.12 -5.71
N GLY A 19 5.33 19.06 -5.64
CA GLY A 19 4.63 17.83 -5.43
C GLY A 19 4.83 16.83 -6.52
N ARG A 20 5.11 17.31 -7.71
CA ARG A 20 5.15 16.44 -8.89
C ARG A 20 6.26 15.40 -8.78
N PHE A 21 5.88 14.15 -8.93
CA PHE A 21 6.81 13.03 -8.79
C PHE A 21 6.90 12.22 -10.07
N MET A 22 8.11 12.07 -10.59
CA MET A 22 8.36 11.26 -11.77
C MET A 22 9.18 10.03 -11.38
N PRO A 23 9.13 8.96 -12.20
CA PRO A 23 9.94 7.77 -11.92
C PRO A 23 11.43 8.06 -11.79
N GLU A 24 11.84 9.23 -12.26
CA GLU A 24 13.21 9.72 -12.09
C GLU A 24 13.50 10.02 -10.62
N ASN A 25 12.49 10.50 -9.90
CA ASN A 25 12.64 10.88 -8.50
C ASN A 25 12.75 9.67 -7.56
N VAL A 26 12.68 8.47 -8.12
CA VAL A 26 12.81 7.25 -7.32
C VAL A 26 14.27 6.93 -7.03
N ASP A 27 14.60 6.76 -5.76
CA ASP A 27 15.90 6.29 -5.32
C ASP A 27 15.95 4.78 -5.53
N PRO A 28 16.76 4.31 -6.50
CA PRO A 28 16.75 2.90 -6.90
C PRO A 28 17.45 1.95 -5.92
N THR A 29 17.97 2.45 -4.80
CA THR A 29 18.54 1.58 -3.79
C THR A 29 17.58 1.47 -2.60
N LEU A 30 16.55 2.31 -2.62
CA LEU A 30 15.56 2.35 -1.54
C LEU A 30 14.80 1.04 -1.39
N CYS A 31 14.08 0.67 -2.45
CA CYS A 31 13.19 -0.47 -2.40
C CYS A 31 13.77 -1.66 -3.14
N THR A 32 13.20 -2.83 -2.89
CA THR A 32 13.57 -4.04 -3.62
C THR A 32 12.63 -4.21 -4.80
N HIS A 33 11.42 -3.69 -4.65
CA HIS A 33 10.41 -3.74 -5.70
C HIS A 33 9.76 -2.38 -5.91
N VAL A 34 9.47 -2.03 -7.16
CA VAL A 34 8.67 -0.86 -7.45
C VAL A 34 7.39 -1.27 -8.16
N ILE A 35 6.25 -0.98 -7.54
CA ILE A 35 4.97 -1.34 -8.11
C ILE A 35 4.25 -0.10 -8.64
N TYR A 36 4.02 -0.08 -9.96
CA TYR A 36 3.39 1.06 -10.60
C TYR A 36 1.87 0.95 -10.57
N ALA A 37 1.21 2.00 -10.09
CA ALA A 37 -0.23 1.98 -9.91
C ALA A 37 -0.92 3.15 -10.58
N PHE A 38 -1.96 2.88 -11.38
CA PHE A 38 -2.38 1.53 -11.74
C PHE A 38 -2.52 1.41 -13.25
N ALA A 39 -2.59 0.19 -13.74
CA ALA A 39 -3.05 -0.04 -15.11
C ALA A 39 -4.58 -0.12 -15.07
N THR A 40 -5.18 -0.56 -16.17
CA THR A 40 -6.63 -0.75 -16.18
C THR A 40 -7.03 -1.92 -17.06
N LEU A 41 -8.33 -2.19 -17.11
CA LEU A 41 -8.87 -3.19 -18.03
C LEU A 41 -9.70 -2.50 -19.11
N LYS A 42 -9.33 -2.76 -20.36
CA LYS A 42 -10.12 -2.34 -21.51
C LYS A 42 -10.47 -3.57 -22.31
N ASP A 43 -11.76 -3.90 -22.31
CA ASP A 43 -12.25 -5.13 -22.90
C ASP A 43 -11.58 -6.33 -22.25
N HIS A 44 -11.47 -6.28 -20.94
CA HIS A 44 -10.94 -7.38 -20.12
C HIS A 44 -9.51 -7.77 -20.49
N LYS A 45 -8.80 -6.82 -21.09
CA LYS A 45 -7.39 -6.98 -21.39
C LYS A 45 -6.59 -5.98 -20.56
N LEU A 46 -5.56 -6.47 -19.89
CA LEU A 46 -4.64 -5.58 -19.19
C LEU A 46 -4.05 -4.59 -20.19
N THR A 47 -4.35 -3.32 -19.98
CA THR A 47 -3.98 -2.28 -20.92
C THR A 47 -3.62 -1.01 -20.18
N GLU A 48 -3.09 -0.04 -20.91
CA GLU A 48 -2.75 1.25 -20.31
C GLU A 48 -4.00 2.00 -19.92
N ALA A 49 -3.87 2.88 -18.92
CA ALA A 49 -5.00 3.68 -18.44
C ALA A 49 -5.09 4.99 -19.21
N ASP A 50 -3.95 5.38 -19.78
CA ASP A 50 -3.87 6.58 -20.60
C ASP A 50 -2.70 6.38 -21.55
N GLU A 51 -2.70 7.06 -22.68
CA GLU A 51 -1.62 6.92 -23.65
C GLU A 51 -0.38 7.67 -23.19
N LYS A 52 -0.51 8.43 -22.11
CA LYS A 52 0.64 9.10 -21.51
C LYS A 52 1.40 8.14 -20.61
N ASP A 53 0.74 7.06 -20.21
CA ASP A 53 1.33 6.09 -19.29
C ASP A 53 2.37 5.19 -19.98
N ALA A 54 2.24 5.02 -21.29
CA ALA A 54 3.11 4.12 -22.04
C ALA A 54 4.58 4.47 -21.88
N ASP A 55 4.90 5.76 -21.90
CA ASP A 55 6.27 6.19 -21.72
C ASP A 55 6.65 6.16 -20.25
N MET A 56 5.65 6.33 -19.38
CA MET A 56 5.86 6.23 -17.94
C MET A 56 6.31 4.83 -17.55
N TYR A 57 5.69 3.82 -18.14
CA TYR A 57 6.08 2.44 -17.93
C TYR A 57 7.55 2.25 -18.28
N ASP A 58 7.98 2.91 -19.35
CA ASP A 58 9.35 2.78 -19.85
C ASP A 58 10.37 3.38 -18.89
N LYS A 59 9.95 4.37 -18.11
CA LYS A 59 10.86 5.07 -17.21
C LYS A 59 10.84 4.52 -15.79
N VAL A 60 9.75 3.83 -15.43
CA VAL A 60 9.73 3.15 -14.15
C VAL A 60 10.52 1.84 -14.29
N VAL A 61 10.41 1.22 -15.45
CA VAL A 61 11.37 0.21 -15.87
C VAL A 61 12.61 1.01 -16.25
N ALA A 62 13.77 0.36 -16.36
CA ALA A 62 15.04 1.03 -16.62
C ALA A 62 15.48 1.89 -15.44
N LEU A 63 14.72 1.81 -14.35
CA LEU A 63 15.26 2.13 -13.03
C LEU A 63 16.23 1.00 -12.71
N ARG A 64 15.97 -0.14 -13.36
CA ARG A 64 16.85 -1.30 -13.31
C ARG A 64 18.22 -0.98 -13.90
N GLU A 65 18.31 0.07 -14.71
CA GLU A 65 19.58 0.45 -15.29
C GLU A 65 20.48 1.12 -14.26
N LYS A 66 19.89 1.50 -13.13
CA LYS A 66 20.66 2.06 -12.01
C LYS A 66 20.70 1.08 -10.85
N ASN A 67 19.89 0.03 -10.93
CA ASN A 67 19.88 -1.05 -9.95
C ASN A 67 19.32 -2.32 -10.58
N PRO A 68 20.19 -3.13 -11.20
CA PRO A 68 19.81 -4.29 -12.02
C PRO A 68 19.07 -5.40 -11.29
N ASN A 69 19.06 -5.37 -9.95
CA ASN A 69 18.32 -6.37 -9.19
C ASN A 69 17.00 -5.82 -8.68
N LEU A 70 16.73 -4.55 -8.99
CA LEU A 70 15.45 -3.94 -8.65
C LEU A 70 14.36 -4.56 -9.50
N LYS A 71 13.26 -4.93 -8.85
CA LYS A 71 12.13 -5.52 -9.56
C LYS A 71 11.08 -4.45 -9.83
N ILE A 72 10.52 -4.47 -11.04
CA ILE A 72 9.51 -3.50 -11.44
C ILE A 72 8.22 -4.20 -11.82
N LEU A 73 7.16 -3.93 -11.05
CA LEU A 73 5.88 -4.60 -11.27
C LEU A 73 4.82 -3.62 -11.76
N LEU A 74 3.82 -4.15 -12.45
CA LEU A 74 2.65 -3.36 -12.84
C LEU A 74 1.45 -3.76 -11.97
N ALA A 75 0.81 -2.75 -11.39
CA ALA A 75 -0.34 -3.02 -10.53
C ALA A 75 -1.65 -2.73 -11.26
N ILE A 76 -2.62 -3.62 -11.12
CA ILE A 76 -3.95 -3.35 -11.63
C ILE A 76 -4.98 -3.46 -10.50
N GLY A 77 -6.01 -2.64 -10.57
CA GLY A 77 -7.04 -2.60 -9.57
C GLY A 77 -7.07 -1.23 -8.92
N GLY A 78 -7.05 -1.21 -7.59
CA GLY A 78 -7.09 0.04 -6.86
C GLY A 78 -8.45 0.28 -6.26
N TRP A 79 -8.54 1.30 -5.43
CA TRP A 79 -9.78 1.59 -4.71
C TRP A 79 -10.86 2.16 -5.62
N ALA A 80 -10.44 2.83 -6.70
CA ALA A 80 -11.38 3.47 -7.61
C ALA A 80 -11.90 2.49 -8.67
N PHE A 81 -11.04 1.55 -9.05
CA PHE A 81 -11.38 0.54 -10.06
C PHE A 81 -12.66 -0.21 -9.69
N GLY A 82 -12.79 -0.56 -8.42
CA GLY A 82 -13.98 -1.24 -7.94
C GLY A 82 -13.88 -2.75 -8.08
N SER A 83 -15.03 -3.41 -8.09
CA SER A 83 -15.09 -4.87 -8.11
C SER A 83 -15.57 -5.42 -9.45
N THR A 84 -16.47 -4.67 -10.02
CA THR A 84 -17.22 -5.04 -11.16
C THR A 84 -16.31 -5.36 -12.33
N PRO A 85 -15.20 -4.67 -12.41
CA PRO A 85 -14.22 -4.95 -13.46
C PRO A 85 -13.61 -6.36 -13.31
N PHE A 86 -13.53 -6.87 -12.07
CA PHE A 86 -12.87 -8.13 -11.83
C PHE A 86 -13.91 -9.20 -11.81
N LYS A 87 -15.11 -8.83 -11.46
CA LYS A 87 -16.21 -9.76 -11.45
C LYS A 87 -16.53 -10.19 -12.86
N GLU A 88 -16.31 -9.30 -13.80
CA GLU A 88 -16.62 -9.55 -15.19
C GLU A 88 -15.51 -10.31 -15.81
N LEU A 89 -14.30 -9.89 -15.53
CA LEU A 89 -13.11 -10.49 -16.09
C LEU A 89 -12.98 -11.91 -15.69
N THR A 90 -13.91 -12.38 -14.91
CA THR A 90 -13.67 -13.50 -14.10
C THR A 90 -14.87 -14.42 -14.21
N SER A 91 -15.75 -14.09 -15.13
CA SER A 91 -16.97 -14.83 -15.33
C SER A 91 -16.86 -15.95 -16.36
N ASN A 92 -16.02 -15.81 -17.37
CA ASN A 92 -15.77 -16.91 -18.26
C ASN A 92 -14.32 -17.25 -18.31
N VAL A 93 -14.04 -18.53 -18.36
CA VAL A 93 -12.70 -19.01 -18.41
C VAL A 93 -11.93 -18.56 -19.63
N PHE A 94 -12.61 -18.16 -20.69
CA PHE A 94 -11.92 -17.79 -21.91
C PHE A 94 -11.48 -16.37 -21.77
N ARG A 95 -12.31 -15.60 -21.07
CA ARG A 95 -12.05 -14.22 -20.80
C ARG A 95 -10.92 -14.12 -19.85
N MET A 96 -10.92 -14.97 -18.85
CA MET A 96 -9.82 -14.98 -17.92
C MET A 96 -8.56 -15.42 -18.54
N ASN A 97 -8.60 -16.54 -19.24
CA ASN A 97 -7.40 -17.13 -19.73
C ASN A 97 -6.75 -16.23 -20.72
N GLN A 98 -7.56 -15.65 -21.56
CA GLN A 98 -7.03 -14.76 -22.57
C GLN A 98 -6.42 -13.54 -21.95
N PHE A 99 -6.99 -13.07 -20.83
CA PHE A 99 -6.40 -11.92 -20.15
C PHE A 99 -5.03 -12.31 -19.62
N VAL A 100 -4.91 -13.56 -19.18
CA VAL A 100 -3.66 -14.06 -18.62
C VAL A 100 -2.56 -14.15 -19.67
N TYR A 101 -2.80 -14.93 -20.73
CA TYR A 101 -1.82 -15.12 -21.79
C TYR A 101 -1.35 -13.80 -22.38
N GLU A 102 -2.25 -12.82 -22.44
CA GLU A 102 -1.97 -11.55 -23.07
C GLU A 102 -1.37 -10.53 -22.11
N ALA A 103 -1.74 -10.61 -20.83
CA ALA A 103 -1.08 -9.79 -19.81
C ALA A 103 0.40 -10.15 -19.79
N ILE A 104 0.68 -11.44 -19.97
CA ILE A 104 2.06 -11.91 -20.08
C ILE A 104 2.77 -11.24 -21.25
N GLU A 105 2.08 -11.14 -22.39
CA GLU A 105 2.63 -10.45 -23.55
C GLU A 105 2.83 -8.97 -23.25
N PHE A 106 1.83 -8.37 -22.60
CA PHE A 106 1.88 -6.97 -22.21
C PHE A 106 3.06 -6.68 -21.29
N LEU A 107 3.20 -7.49 -20.25
CA LEU A 107 4.27 -7.34 -19.27
C LEU A 107 5.65 -7.59 -19.87
N ARG A 108 5.81 -8.73 -20.54
CA ARG A 108 7.09 -9.08 -21.16
C ARG A 108 7.52 -8.03 -22.18
N ASP A 109 6.55 -7.36 -22.80
CA ASP A 109 6.84 -6.33 -23.78
C ASP A 109 7.45 -5.07 -23.16
N TYR A 110 6.89 -4.63 -22.03
CA TYR A 110 7.36 -3.44 -21.34
C TYR A 110 8.57 -3.75 -20.45
N GLN A 111 8.97 -5.02 -20.42
CA GLN A 111 10.02 -5.52 -19.54
C GLN A 111 9.66 -5.45 -18.06
N PHE A 112 8.38 -5.67 -17.74
CA PHE A 112 7.96 -5.77 -16.35
C PHE A 112 8.42 -7.07 -15.71
N ASN A 113 8.62 -7.05 -14.40
CA ASN A 113 9.09 -8.22 -13.67
C ASN A 113 7.95 -9.04 -13.06
N GLY A 114 6.74 -8.47 -13.09
CA GLY A 114 5.59 -9.15 -12.54
C GLY A 114 4.34 -8.30 -12.47
N LEU A 115 3.27 -8.88 -11.94
CA LEU A 115 1.97 -8.20 -11.88
C LEU A 115 1.41 -8.18 -10.45
N ASP A 116 0.90 -7.02 -10.05
CA ASP A 116 0.25 -6.88 -8.75
C ASP A 116 -1.26 -6.74 -8.93
N VAL A 117 -2.02 -7.61 -8.29
CA VAL A 117 -3.49 -7.56 -8.39
C VAL A 117 -4.09 -6.89 -7.16
N ASP A 118 -4.79 -5.78 -7.38
CA ASP A 118 -5.37 -5.03 -6.27
C ASP A 118 -6.88 -4.90 -6.42
N TRP A 119 -7.56 -6.04 -6.40
CA TRP A 119 -9.02 -6.09 -6.47
C TRP A 119 -9.62 -5.68 -5.12
N GLU A 120 -10.31 -4.54 -5.10
CA GLU A 120 -10.87 -4.02 -3.86
C GLU A 120 -12.38 -3.81 -3.93
N TYR A 121 -13.16 -4.75 -3.41
CA TYR A 121 -12.65 -5.99 -2.81
C TYR A 121 -13.54 -7.16 -3.21
N PRO A 122 -13.00 -8.39 -3.19
CA PRO A 122 -13.90 -9.52 -3.35
C PRO A 122 -14.77 -9.72 -2.11
N ARG A 123 -16.06 -9.99 -2.33
CA ARG A 123 -16.99 -10.23 -1.24
C ARG A 123 -17.99 -11.32 -1.63
N GLY A 124 -18.14 -12.33 -0.78
CA GLY A 124 -19.06 -13.41 -1.06
C GLY A 124 -18.36 -14.63 -1.63
N ALA A 125 -19.04 -15.77 -1.58
CA ALA A 125 -18.48 -17.06 -1.98
C ALA A 125 -17.99 -17.06 -3.43
N ASP A 126 -18.86 -16.66 -4.35
CA ASP A 126 -18.52 -16.68 -5.77
C ASP A 126 -17.36 -15.74 -6.09
N ASP A 127 -17.25 -14.65 -5.34
CA ASP A 127 -16.11 -13.74 -5.48
C ASP A 127 -14.82 -14.39 -4.99
N ARG A 128 -14.92 -15.11 -3.88
CA ARG A 128 -13.77 -15.81 -3.31
C ARG A 128 -13.16 -16.80 -4.30
N ALA A 129 -14.02 -17.61 -4.91
CA ALA A 129 -13.58 -18.62 -5.88
C ALA A 129 -12.93 -17.96 -7.08
N ALA A 130 -13.51 -16.86 -7.53
CA ALA A 130 -12.97 -16.13 -8.67
C ALA A 130 -11.57 -15.60 -8.39
N PHE A 131 -11.36 -15.10 -7.18
CA PHE A 131 -10.06 -14.54 -6.80
C PHE A 131 -8.99 -15.63 -6.76
N VAL A 132 -9.35 -16.80 -6.26
CA VAL A 132 -8.44 -17.94 -6.27
C VAL A 132 -8.19 -18.38 -7.71
N SER A 133 -9.28 -18.52 -8.46
CA SER A 133 -9.23 -18.92 -9.88
C SER A 133 -8.25 -18.06 -10.67
N LEU A 134 -8.32 -16.75 -10.44
CA LEU A 134 -7.53 -15.77 -11.17
C LEU A 134 -6.06 -15.86 -10.83
N LEU A 135 -5.74 -15.83 -9.53
CA LEU A 135 -4.37 -15.90 -9.07
C LEU A 135 -3.74 -17.25 -9.43
N LYS A 136 -4.57 -18.29 -9.50
CA LYS A 136 -4.10 -19.61 -9.89
C LYS A 136 -3.64 -19.63 -11.34
N GLU A 137 -4.50 -19.18 -12.24
CA GLU A 137 -4.17 -19.11 -13.66
C GLU A 137 -2.93 -18.26 -13.89
N LEU A 138 -2.91 -17.07 -13.30
CA LEU A 138 -1.78 -16.17 -13.41
C LEU A 138 -0.47 -16.86 -13.00
N ARG A 139 -0.46 -17.43 -11.80
CA ARG A 139 0.72 -18.11 -11.28
C ARG A 139 1.11 -19.32 -12.14
N LEU A 140 0.14 -20.18 -12.43
CA LEU A 140 0.40 -21.39 -13.21
C LEU A 140 0.82 -21.08 -14.64
N ALA A 141 0.31 -19.98 -15.20
CA ALA A 141 0.70 -19.58 -16.55
C ALA A 141 2.06 -18.90 -16.54
N PHE A 142 2.38 -18.22 -15.44
CA PHE A 142 3.71 -17.63 -15.27
C PHE A 142 4.74 -18.74 -15.14
N GLU A 143 4.41 -19.76 -14.35
CA GLU A 143 5.26 -20.93 -14.20
C GLU A 143 5.42 -21.67 -15.52
N GLY A 144 4.39 -21.58 -16.37
CA GLY A 144 4.41 -22.20 -17.67
C GLY A 144 5.21 -21.41 -18.68
N GLU A 145 5.04 -20.10 -18.65
CA GLU A 145 5.76 -19.21 -19.58
C GLU A 145 7.25 -19.18 -19.21
N ALA A 146 7.56 -19.53 -17.96
CA ALA A 146 8.95 -19.67 -17.55
C ALA A 146 9.54 -20.95 -18.15
N LYS A 147 8.73 -22.00 -18.21
CA LYS A 147 9.11 -23.26 -18.85
C LYS A 147 9.32 -23.08 -20.34
N THR A 148 8.27 -22.58 -21.00
CA THR A 148 8.20 -22.55 -22.45
C THR A 148 9.10 -21.48 -23.06
N SER A 149 9.41 -20.44 -22.29
CA SER A 149 10.45 -19.50 -22.68
C SER A 149 11.74 -19.91 -21.96
N GLY A 150 12.73 -19.04 -21.96
CA GLY A 150 13.96 -19.30 -21.25
C GLY A 150 14.24 -18.21 -20.23
N GLN A 151 13.18 -17.76 -19.57
CA GLN A 151 13.25 -16.59 -18.72
C GLN A 151 12.81 -16.86 -17.28
N PRO A 152 13.37 -16.11 -16.32
CA PRO A 152 12.93 -16.21 -14.92
C PRO A 152 11.49 -15.76 -14.77
N ARG A 153 10.71 -16.53 -13.99
CA ARG A 153 9.27 -16.35 -13.88
C ARG A 153 8.85 -14.93 -13.46
N LEU A 154 7.74 -14.48 -14.02
CA LEU A 154 7.12 -13.23 -13.60
C LEU A 154 6.59 -13.36 -12.18
N LEU A 155 6.72 -12.30 -11.39
CA LEU A 155 6.25 -12.31 -10.01
C LEU A 155 4.74 -12.05 -9.94
N LEU A 156 4.09 -12.68 -8.98
CA LEU A 156 2.67 -12.43 -8.73
C LEU A 156 2.47 -11.97 -7.30
N THR A 157 1.98 -10.74 -7.14
CA THR A 157 1.68 -10.21 -5.81
C THR A 157 0.26 -9.68 -5.78
N ALA A 158 -0.26 -9.43 -4.58
CA ALA A 158 -1.60 -8.89 -4.44
C ALA A 158 -1.71 -8.00 -3.22
N ALA A 159 -2.45 -6.90 -3.35
CA ALA A 159 -2.78 -6.06 -2.22
C ALA A 159 -4.06 -6.58 -1.57
N VAL A 160 -4.00 -6.76 -0.25
CA VAL A 160 -5.10 -7.35 0.49
C VAL A 160 -5.47 -6.48 1.69
N PRO A 161 -6.74 -6.53 2.12
CA PRO A 161 -7.21 -5.65 3.21
C PRO A 161 -6.74 -6.11 4.58
N ALA A 162 -6.86 -5.23 5.56
CA ALA A 162 -6.40 -5.51 6.91
C ALA A 162 -7.56 -5.96 7.81
N SER A 163 -8.75 -5.49 7.52
CA SER A 163 -9.94 -5.79 8.33
C SER A 163 -10.21 -7.29 8.39
N PHE A 164 -10.38 -7.79 9.61
CA PHE A 164 -10.71 -9.20 9.83
C PHE A 164 -12.05 -9.55 9.19
N GLU A 165 -12.93 -8.57 9.11
CA GLU A 165 -14.20 -8.71 8.38
C GLU A 165 -13.93 -8.95 6.90
N ALA A 166 -13.14 -8.05 6.31
CA ALA A 166 -12.84 -8.09 4.89
C ALA A 166 -12.09 -9.36 4.52
N ILE A 167 -11.22 -9.83 5.43
CA ILE A 167 -10.47 -11.05 5.22
C ILE A 167 -11.39 -12.26 5.03
N ALA A 168 -12.43 -12.32 5.86
CA ALA A 168 -13.35 -13.46 5.84
C ALA A 168 -14.32 -13.39 4.66
N ALA A 169 -14.73 -12.18 4.29
CA ALA A 169 -15.74 -12.01 3.26
C ALA A 169 -15.27 -12.42 1.87
N GLY A 170 -13.98 -12.24 1.59
CA GLY A 170 -13.50 -12.47 0.24
C GLY A 170 -12.15 -13.12 0.04
N TYR A 171 -11.58 -13.74 1.08
CA TYR A 171 -10.22 -14.25 0.95
C TYR A 171 -10.01 -15.66 1.51
N ASP A 172 -9.78 -16.59 0.57
CA ASP A 172 -9.34 -17.95 0.90
C ASP A 172 -7.84 -17.92 1.10
N VAL A 173 -7.42 -17.64 2.34
CA VAL A 173 -6.02 -17.35 2.62
C VAL A 173 -5.04 -18.51 2.37
N PRO A 174 -5.39 -19.75 2.78
CA PRO A 174 -4.46 -20.83 2.42
C PRO A 174 -4.25 -20.97 0.91
N GLU A 175 -5.32 -20.78 0.14
CA GLU A 175 -5.25 -20.96 -1.31
C GLU A 175 -4.44 -19.87 -2.02
N ILE A 176 -4.73 -18.61 -1.73
CA ILE A 176 -4.04 -17.52 -2.41
C ILE A 176 -2.59 -17.41 -1.95
N SER A 177 -2.31 -17.94 -0.76
CA SER A 177 -0.95 -17.99 -0.25
C SER A 177 -0.09 -18.92 -1.10
N LYS A 178 -0.70 -19.96 -1.63
CA LYS A 178 -0.01 -20.96 -2.42
C LYS A 178 0.49 -20.40 -3.76
N TYR A 179 -0.30 -19.48 -4.33
CA TYR A 179 0.00 -18.99 -5.67
C TYR A 179 0.66 -17.60 -5.68
N LEU A 180 0.47 -16.84 -4.61
CA LEU A 180 1.06 -15.50 -4.52
C LEU A 180 2.51 -15.54 -4.05
N ASP A 181 3.35 -14.73 -4.69
CA ASP A 181 4.73 -14.56 -4.23
C ASP A 181 4.78 -13.68 -2.99
N PHE A 182 4.09 -12.55 -3.05
CA PHE A 182 4.01 -11.64 -1.92
C PHE A 182 2.57 -11.27 -1.61
N ILE A 183 2.27 -11.13 -0.32
CA ILE A 183 0.94 -10.73 0.14
C ILE A 183 1.02 -9.36 0.79
N ASN A 184 0.73 -8.32 0.02
CA ASN A 184 0.83 -6.95 0.51
C ASN A 184 -0.39 -6.54 1.32
N VAL A 185 -0.28 -6.62 2.65
CA VAL A 185 -1.39 -6.29 3.53
C VAL A 185 -1.53 -4.78 3.73
N MET A 186 -2.64 -4.23 3.26
CA MET A 186 -2.87 -2.79 3.35
C MET A 186 -3.27 -2.39 4.77
N THR A 187 -2.28 -2.35 5.67
CA THR A 187 -2.51 -2.02 7.07
C THR A 187 -2.59 -0.51 7.30
N TYR A 188 -3.51 0.13 6.61
CA TYR A 188 -3.82 1.54 6.83
C TYR A 188 -5.29 1.80 6.54
N ASP A 189 -5.68 3.07 6.56
CA ASP A 189 -7.08 3.46 6.40
C ASP A 189 -8.00 2.79 7.41
N PHE A 190 -7.52 2.61 8.64
CA PHE A 190 -8.37 2.07 9.69
C PHE A 190 -9.44 3.07 10.04
N HIS A 191 -9.09 4.35 9.95
CA HIS A 191 -10.01 5.45 10.23
C HIS A 191 -9.74 6.60 9.28
N GLY A 192 -10.79 7.33 8.91
CA GLY A 192 -10.66 8.42 7.97
C GLY A 192 -11.91 9.29 7.88
N GLN A 193 -11.98 10.10 6.83
CA GLN A 193 -13.03 11.12 6.69
C GLN A 193 -14.41 10.51 6.50
N TRP A 194 -14.47 9.20 6.37
CA TRP A 194 -15.75 8.52 6.22
C TRP A 194 -16.39 8.27 7.58
N GLU A 195 -15.73 8.77 8.61
CA GLU A 195 -16.23 8.67 9.98
C GLU A 195 -16.42 10.06 10.57
N ARG A 196 -17.33 10.18 11.53
CA ARG A 196 -17.59 11.44 12.19
C ARG A 196 -16.91 11.47 13.56
N GLN A 197 -15.83 10.71 13.67
CA GLN A 197 -15.02 10.66 14.89
C GLN A 197 -13.55 10.68 14.52
N VAL A 198 -12.74 11.35 15.35
CA VAL A 198 -11.31 11.40 15.11
C VAL A 198 -10.65 10.07 15.48
N GLY A 199 -9.92 9.50 14.51
CA GLY A 199 -9.23 8.24 14.70
C GLY A 199 -7.96 8.19 13.88
N HIS A 200 -7.00 7.37 14.29
CA HIS A 200 -5.72 7.32 13.62
C HIS A 200 -5.71 6.39 12.41
N ASN A 201 -5.03 6.83 11.36
CA ASN A 201 -4.91 6.10 10.11
C ASN A 201 -4.36 4.69 10.26
N SER A 202 -3.34 4.53 11.10
CA SER A 202 -2.61 3.27 11.17
C SER A 202 -1.96 3.00 12.53
N PRO A 203 -2.77 2.75 13.56
CA PRO A 203 -2.23 2.50 14.90
C PRO A 203 -1.63 1.10 15.04
N LEU A 204 -0.47 0.99 15.66
CA LEU A 204 0.18 -0.30 15.86
C LEU A 204 -0.60 -1.15 16.84
N PHE A 205 -0.80 -0.62 18.05
CA PHE A 205 -1.58 -1.29 19.07
C PHE A 205 -2.81 -0.44 19.42
N PRO A 206 -3.80 -1.03 20.12
CA PRO A 206 -5.01 -0.27 20.45
C PRO A 206 -4.93 0.48 21.77
N LEU A 207 -5.87 1.41 21.97
CA LEU A 207 -6.08 2.03 23.27
C LEU A 207 -6.61 0.97 24.21
N GLU A 208 -6.30 1.09 25.50
CA GLU A 208 -6.80 0.12 26.47
C GLU A 208 -8.26 0.39 26.80
N SER A 209 -8.74 1.57 26.43
CA SER A 209 -10.13 1.94 26.66
C SER A 209 -11.03 1.59 25.47
N ALA A 210 -10.46 0.94 24.47
CA ALA A 210 -11.19 0.62 23.24
C ALA A 210 -12.08 -0.60 23.38
N THR A 211 -13.20 -0.61 22.66
CA THR A 211 -14.06 -1.79 22.58
C THR A 211 -13.28 -2.93 21.95
N SER A 212 -13.78 -4.16 22.11
CA SER A 212 -13.08 -5.32 21.60
C SER A 212 -13.13 -5.41 20.08
N TYR A 213 -14.02 -4.62 19.47
CA TYR A 213 -14.06 -4.51 18.02
C TYR A 213 -13.02 -3.50 17.55
N GLN A 214 -12.90 -2.38 18.27
CA GLN A 214 -11.92 -1.36 17.95
C GLN A 214 -10.51 -1.86 18.18
N LYS A 215 -10.35 -2.80 19.11
CA LYS A 215 -9.05 -3.38 19.42
C LYS A 215 -8.56 -4.28 18.28
N LYS A 216 -9.43 -4.56 17.32
CA LYS A 216 -9.08 -5.37 16.17
C LYS A 216 -8.68 -4.53 14.96
N LEU A 217 -8.91 -3.23 15.05
CA LEU A 217 -8.57 -2.33 13.95
C LEU A 217 -7.20 -1.71 14.17
N THR A 218 -6.19 -2.58 14.24
CA THR A 218 -4.81 -2.17 14.44
C THR A 218 -3.90 -2.89 13.45
N VAL A 219 -2.67 -2.38 13.29
CA VAL A 219 -1.70 -3.03 12.43
C VAL A 219 -1.31 -4.39 13.02
N ASP A 220 -1.19 -4.43 14.35
CA ASP A 220 -0.79 -5.65 15.05
C ASP A 220 -1.81 -6.79 14.89
N TYR A 221 -3.08 -6.51 15.17
CA TYR A 221 -4.11 -7.54 15.12
C TYR A 221 -4.38 -8.03 13.70
N SER A 222 -4.28 -7.11 12.74
CA SER A 222 -4.58 -7.44 11.35
C SER A 222 -3.53 -8.34 10.72
N ALA A 223 -2.26 -8.05 10.99
CA ALA A 223 -1.17 -8.86 10.49
C ALA A 223 -1.19 -10.24 11.12
N ARG A 224 -1.59 -10.30 12.39
CA ARG A 224 -1.64 -11.57 13.11
C ARG A 224 -2.92 -12.34 12.79
N GLU A 225 -3.89 -11.67 12.19
CA GLU A 225 -5.11 -12.33 11.74
C GLU A 225 -4.83 -13.07 10.44
N TRP A 226 -3.99 -12.48 9.59
CA TRP A 226 -3.58 -13.11 8.34
C TRP A 226 -2.78 -14.37 8.61
N VAL A 227 -1.89 -14.29 9.59
CA VAL A 227 -1.12 -15.45 10.03
C VAL A 227 -2.06 -16.54 10.53
N ARG A 228 -3.04 -16.12 11.32
CA ARG A 228 -4.04 -17.00 11.91
C ARG A 228 -4.88 -17.71 10.84
N GLN A 229 -5.02 -17.07 9.68
CA GLN A 229 -5.84 -17.64 8.61
C GLN A 229 -5.02 -18.42 7.59
N GLY A 230 -3.72 -18.58 7.85
CA GLY A 230 -2.90 -19.46 7.06
C GLY A 230 -1.89 -18.80 6.13
N ALA A 231 -1.70 -17.50 6.28
CA ALA A 231 -0.73 -16.79 5.47
C ALA A 231 0.68 -17.07 5.97
N PRO A 232 1.58 -17.52 5.08
CA PRO A 232 2.97 -17.78 5.44
C PRO A 232 3.68 -16.46 5.77
N LYS A 233 4.41 -16.44 6.87
CA LYS A 233 4.97 -15.19 7.39
C LYS A 233 5.99 -14.55 6.46
N GLU A 234 6.69 -15.36 5.67
CA GLU A 234 7.73 -14.85 4.79
C GLU A 234 7.15 -14.21 3.53
N LYS A 235 5.86 -14.43 3.29
CA LYS A 235 5.18 -13.82 2.14
C LYS A 235 4.39 -12.57 2.56
N LEU A 236 4.27 -12.35 3.85
CA LEU A 236 3.50 -11.23 4.37
C LEU A 236 4.29 -9.92 4.36
N MET A 237 3.90 -9.00 3.48
CA MET A 237 4.49 -7.68 3.44
C MET A 237 3.54 -6.68 4.09
N ILE A 238 3.89 -6.25 5.31
CA ILE A 238 3.01 -5.36 6.07
C ILE A 238 3.07 -3.94 5.52
N GLY A 239 1.90 -3.37 5.26
CA GLY A 239 1.80 -2.05 4.65
C GLY A 239 2.18 -0.92 5.59
N MET A 240 3.01 -0.01 5.09
CA MET A 240 3.40 1.18 5.84
C MET A 240 3.03 2.44 5.06
N PRO A 241 2.18 3.28 5.65
CA PRO A 241 1.70 4.50 4.99
C PRO A 241 2.65 5.69 5.15
N THR A 242 2.89 6.40 4.05
CA THR A 242 3.67 7.64 4.08
C THR A 242 2.71 8.82 4.00
N TYR A 243 1.48 8.59 4.45
CA TYR A 243 0.46 9.61 4.45
C TYR A 243 -0.32 9.58 5.75
N GLY A 244 -0.99 10.68 6.06
CA GLY A 244 -1.85 10.73 7.23
C GLY A 244 -3.30 10.93 6.85
N ARG A 245 -4.20 10.64 7.79
CA ARG A 245 -5.62 10.88 7.59
C ARG A 245 -6.08 12.08 8.42
N SER A 246 -6.60 13.10 7.73
CA SER A 246 -6.91 14.36 8.40
C SER A 246 -8.40 14.51 8.70
N PHE A 247 -8.71 15.34 9.70
CA PHE A 247 -10.09 15.57 10.13
C PHE A 247 -10.36 17.05 10.40
N THR A 248 -11.59 17.48 10.16
CA THR A 248 -12.04 18.80 10.61
C THR A 248 -12.83 18.64 11.91
N LEU A 249 -12.31 19.22 12.98
CA LEU A 249 -12.94 19.09 14.29
C LEU A 249 -14.23 19.89 14.40
N ILE A 250 -15.29 19.23 14.86
CA ILE A 250 -16.54 19.91 15.19
C ILE A 250 -16.26 20.94 16.28
N ASN A 251 -15.28 20.64 17.12
CA ASN A 251 -14.94 21.48 18.25
C ASN A 251 -13.42 21.53 18.47
N ASP A 252 -12.86 22.73 18.39
CA ASP A 252 -11.43 22.95 18.55
C ASP A 252 -10.91 22.46 19.90
N THR A 253 -11.81 22.33 20.87
CA THR A 253 -11.46 21.92 22.22
C THR A 253 -11.20 20.42 22.32
N GLN A 254 -12.03 19.64 21.63
CA GLN A 254 -11.91 18.19 21.65
C GLN A 254 -11.01 17.71 20.52
N PHE A 255 -9.80 17.30 20.87
CA PHE A 255 -8.81 16.85 19.90
C PHE A 255 -8.27 15.46 20.25
N ASP A 256 -8.76 14.91 21.35
CA ASP A 256 -8.39 13.55 21.74
C ASP A 256 -9.04 12.54 20.81
N ILE A 257 -8.46 11.35 20.73
CA ILE A 257 -9.02 10.27 19.93
C ILE A 257 -10.48 10.01 20.29
N GLY A 258 -11.37 10.12 19.32
CA GLY A 258 -12.78 9.93 19.54
C GLY A 258 -13.55 11.23 19.44
N ALA A 259 -12.83 12.34 19.29
CA ALA A 259 -13.44 13.64 19.18
C ALA A 259 -14.27 13.75 17.90
N PRO A 260 -15.43 14.42 18.00
CA PRO A 260 -16.34 14.59 16.86
C PRO A 260 -15.69 15.34 15.69
N ALA A 261 -15.93 14.85 14.48
CA ALA A 261 -15.48 15.52 13.27
C ALA A 261 -16.64 15.65 12.30
N SER A 262 -16.61 16.69 11.47
CA SER A 262 -17.66 16.90 10.48
C SER A 262 -17.28 16.29 9.14
N GLY A 263 -16.01 15.93 9.00
CA GLY A 263 -15.50 15.35 7.77
C GLY A 263 -14.00 15.49 7.66
N GLY A 264 -13.47 15.33 6.45
CA GLY A 264 -12.05 15.46 6.21
C GLY A 264 -11.56 16.87 6.44
N GLY A 265 -10.26 17.03 6.65
CA GLY A 265 -9.67 18.34 6.89
C GLY A 265 -9.27 18.98 5.59
N GLN A 266 -8.61 20.14 5.68
CA GLN A 266 -8.16 20.86 4.49
C GLN A 266 -7.28 19.98 3.62
N ALA A 267 -7.56 19.96 2.32
CA ALA A 267 -6.75 19.22 1.38
C ALA A 267 -5.31 19.71 1.44
N GLY A 268 -4.37 18.81 1.17
CA GLY A 268 -2.98 19.20 1.06
C GLY A 268 -2.83 20.05 -0.19
N ARG A 269 -1.86 20.96 -0.20
CA ARG A 269 -1.71 21.87 -1.34
C ARG A 269 -1.33 21.14 -2.62
N PHE A 270 -0.86 19.90 -2.49
CA PHE A 270 -0.37 19.14 -3.65
C PHE A 270 -1.22 17.92 -3.97
N THR A 271 -1.62 17.18 -2.93
CA THR A 271 -2.37 15.94 -3.14
C THR A 271 -3.83 16.21 -3.54
N ASN A 272 -4.32 17.40 -3.21
CA ASN A 272 -5.68 17.85 -3.56
C ASN A 272 -6.76 16.83 -3.21
N GLU A 273 -6.87 16.50 -1.94
CA GLU A 273 -7.94 15.62 -1.46
C GLU A 273 -8.07 15.73 0.05
N ALA A 274 -9.23 16.16 0.50
CA ALA A 274 -9.50 16.33 1.92
C ALA A 274 -9.49 14.99 2.65
N GLY A 275 -9.24 15.03 3.96
CA GLY A 275 -9.19 13.82 4.79
C GLY A 275 -7.91 13.04 4.62
N PHE A 276 -7.00 13.54 3.85
CA PHE A 276 -5.74 12.87 3.67
C PHE A 276 -4.67 13.86 3.29
N MET A 277 -3.42 13.49 3.52
CA MET A 277 -2.26 14.38 3.46
C MET A 277 -0.96 13.58 3.34
N SER A 278 -0.07 14.00 2.45
CA SER A 278 1.22 13.34 2.29
C SER A 278 2.17 13.80 3.39
N TYR A 279 3.28 13.09 3.57
CA TYR A 279 4.18 13.39 4.68
C TYR A 279 4.87 14.74 4.53
N TYR A 280 5.22 15.12 3.30
CA TYR A 280 5.85 16.43 3.11
C TYR A 280 4.84 17.54 3.33
N GLU A 281 3.56 17.20 3.21
CA GLU A 281 2.49 18.14 3.55
C GLU A 281 2.27 18.18 5.06
N ILE A 282 2.52 17.05 5.73
CA ILE A 282 2.41 16.98 7.19
C ILE A 282 3.40 17.92 7.86
N CYS A 283 4.66 17.86 7.44
CA CYS A 283 5.73 18.67 8.03
C CYS A 283 5.40 20.15 7.91
N GLU A 284 4.87 20.54 6.77
CA GLU A 284 4.35 21.89 6.54
C GLU A 284 3.35 22.27 7.63
N PHE A 285 2.40 21.37 7.85
CA PHE A 285 1.35 21.55 8.85
C PHE A 285 1.93 21.62 10.26
N LEU A 286 3.02 20.89 10.49
CA LEU A 286 3.69 20.88 11.79
C LEU A 286 4.44 22.18 12.05
N ARG A 287 4.93 22.80 10.99
CA ARG A 287 5.69 24.04 11.12
C ARG A 287 4.77 25.25 11.19
N GLU A 288 3.46 25.00 11.25
CA GLU A 288 2.51 26.07 11.53
C GLU A 288 2.63 26.43 13.01
N ASP A 289 1.80 27.36 13.46
CA ASP A 289 1.94 27.88 14.80
C ASP A 289 0.68 27.62 15.63
N ASN A 290 0.95 27.34 16.89
CA ASN A 290 0.08 26.58 17.77
C ASN A 290 -0.27 25.20 17.24
N THR A 291 0.55 24.65 16.38
CA THR A 291 0.34 23.28 15.98
C THR A 291 0.94 22.37 17.06
N THR A 292 0.08 21.58 17.68
CA THR A 292 0.52 20.68 18.75
C THR A 292 0.86 19.29 18.22
N LEU A 293 2.01 18.75 18.62
CA LEU A 293 2.37 17.39 18.26
C LEU A 293 2.20 16.46 19.44
N VAL A 294 1.37 15.43 19.26
CA VAL A 294 1.13 14.44 20.30
C VAL A 294 1.73 13.10 19.88
N TRP A 295 2.28 12.38 20.84
CA TRP A 295 2.64 10.98 20.63
C TRP A 295 1.70 10.10 21.43
N ASP A 296 1.04 9.16 20.77
CA ASP A 296 0.17 8.23 21.44
C ASP A 296 1.00 7.03 21.91
N ASN A 297 1.27 6.95 23.20
CA ASN A 297 2.17 5.93 23.72
C ASN A 297 1.51 4.56 23.81
N GLU A 298 0.19 4.54 23.75
CA GLU A 298 -0.55 3.27 23.68
C GLU A 298 -0.56 2.74 22.24
N GLN A 299 -0.91 3.62 21.31
CA GLN A 299 -1.04 3.24 19.90
C GLN A 299 0.29 3.35 19.18
N MET A 300 1.27 3.99 19.82
CA MET A 300 2.63 4.10 19.30
C MET A 300 2.68 4.79 17.95
N VAL A 301 1.89 5.85 17.80
CA VAL A 301 1.86 6.66 16.58
C VAL A 301 1.60 8.12 16.95
N PRO A 302 2.05 9.05 16.09
CA PRO A 302 1.82 10.47 16.41
C PRO A 302 0.54 11.01 15.78
N PHE A 303 0.09 12.16 16.29
CA PHE A 303 -0.90 12.96 15.58
C PHE A 303 -0.73 14.42 15.97
N ALA A 304 -1.19 15.31 15.11
CA ALA A 304 -1.03 16.74 15.35
C ALA A 304 -2.34 17.47 15.13
N TYR A 305 -2.50 18.59 15.82
CA TYR A 305 -3.64 19.45 15.63
C TYR A 305 -3.35 20.93 15.67
N ARG A 306 -4.11 21.70 14.91
CA ARG A 306 -4.12 23.16 14.95
C ARG A 306 -5.51 23.71 14.73
N GLU A 307 -6.08 24.40 15.69
CA GLU A 307 -7.38 24.98 15.50
C GLU A 307 -8.10 23.73 15.09
N ASP A 308 -9.07 23.83 14.19
CA ASP A 308 -9.95 22.73 13.88
C ASP A 308 -9.36 21.65 13.01
N GLN A 309 -8.06 21.70 12.78
CA GLN A 309 -7.43 20.71 11.94
C GLN A 309 -6.72 19.64 12.71
N TRP A 310 -7.05 18.40 12.41
CA TRP A 310 -6.48 17.25 13.11
C TRP A 310 -5.93 16.28 12.07
N VAL A 311 -4.73 15.77 12.30
CA VAL A 311 -4.18 14.76 11.39
C VAL A 311 -3.42 13.69 12.16
N GLY A 312 -3.65 12.43 11.78
CA GLY A 312 -2.95 11.30 12.35
C GLY A 312 -2.10 10.64 11.28
N PHE A 313 -0.82 10.45 11.56
CA PHE A 313 0.13 10.02 10.54
C PHE A 313 1.22 9.10 11.11
N ASP A 314 2.20 8.78 10.27
CA ASP A 314 3.35 8.00 10.69
C ASP A 314 4.63 8.79 10.47
N ASP A 315 5.50 8.81 11.48
CA ASP A 315 6.77 9.51 11.38
C ASP A 315 7.93 8.53 11.49
N GLU A 316 9.15 9.07 11.62
CA GLU A 316 10.35 8.25 11.73
C GLU A 316 10.27 7.32 12.93
N ARG A 317 9.66 7.81 13.99
CA ARG A 317 9.58 7.10 15.26
C ARG A 317 8.58 5.95 15.23
N SER A 318 7.35 6.25 14.83
CA SER A 318 6.29 5.26 14.80
C SER A 318 6.61 4.11 13.84
N LEU A 319 7.21 4.45 12.71
CA LEU A 319 7.58 3.45 11.72
C LEU A 319 8.72 2.56 12.21
N LYS A 320 9.66 3.15 12.96
CA LYS A 320 10.73 2.39 13.58
C LYS A 320 10.19 1.48 14.68
N THR A 321 9.14 1.95 15.35
CA THR A 321 8.45 1.13 16.35
C THR A 321 7.82 -0.07 15.65
N LYS A 322 7.31 0.16 14.45
CA LYS A 322 6.65 -0.88 13.67
C LYS A 322 7.63 -1.89 13.08
N MET A 323 8.86 -1.45 12.81
CA MET A 323 9.88 -2.36 12.30
C MET A 323 10.39 -3.26 13.42
N ALA A 324 10.45 -2.72 14.62
CA ALA A 324 10.84 -3.49 15.80
C ALA A 324 9.80 -4.59 16.06
N TRP A 325 8.53 -4.23 15.90
CA TRP A 325 7.43 -5.15 16.06
C TRP A 325 7.43 -6.21 14.95
N LEU A 326 7.70 -5.76 13.72
CA LEU A 326 7.68 -6.63 12.56
C LEU A 326 8.75 -7.72 12.64
N LYS A 327 9.92 -7.35 13.14
CA LYS A 327 11.03 -8.30 13.28
C LYS A 327 10.79 -9.27 14.43
N GLU A 328 10.15 -8.80 15.48
CA GLU A 328 9.83 -9.65 16.63
C GLU A 328 8.76 -10.66 16.25
N GLU A 329 7.94 -10.31 15.26
CA GLU A 329 6.89 -11.20 14.78
C GLU A 329 7.38 -12.10 13.66
N GLY A 330 8.41 -11.64 12.94
CA GLY A 330 9.08 -12.47 11.94
C GLY A 330 8.51 -12.39 10.54
N PHE A 331 7.94 -11.25 10.18
CA PHE A 331 7.36 -11.08 8.85
C PHE A 331 8.43 -10.88 7.78
N GLY A 332 8.07 -11.16 6.53
CA GLY A 332 9.03 -11.21 5.43
C GLY A 332 9.51 -9.87 4.90
N GLY A 333 8.82 -8.79 5.27
CA GLY A 333 9.21 -7.47 4.82
C GLY A 333 8.10 -6.45 4.96
N ILE A 334 8.21 -5.36 4.20
CA ILE A 334 7.20 -4.30 4.25
C ILE A 334 6.70 -3.91 2.87
N MET A 335 5.56 -3.21 2.87
CA MET A 335 5.01 -2.62 1.66
C MET A 335 4.73 -1.16 1.94
N VAL A 336 5.04 -0.27 1.00
CA VAL A 336 4.92 1.16 1.25
C VAL A 336 3.92 1.84 0.32
N TRP A 337 3.00 2.60 0.91
CA TRP A 337 2.10 3.44 0.15
C TRP A 337 2.14 4.88 0.65
N SER A 338 2.78 5.76 -0.11
CA SER A 338 3.49 5.39 -1.33
C SER A 338 4.83 6.12 -1.37
N VAL A 339 5.70 5.71 -2.28
CA VAL A 339 7.03 6.28 -2.37
C VAL A 339 6.98 7.77 -2.75
N ASP A 340 5.94 8.16 -3.48
CA ASP A 340 5.82 9.53 -3.96
C ASP A 340 5.19 10.47 -2.94
N MET A 341 4.86 9.96 -1.77
CA MET A 341 4.28 10.79 -0.72
C MET A 341 5.15 10.85 0.52
N ASP A 342 6.25 10.12 0.48
CA ASP A 342 7.33 10.34 1.43
C ASP A 342 8.01 11.64 1.01
N ASP A 343 8.80 12.23 1.90
CA ASP A 343 9.50 13.46 1.55
C ASP A 343 10.71 13.13 0.68
N PHE A 344 10.48 13.04 -0.63
CA PHE A 344 11.54 12.68 -1.57
C PHE A 344 12.44 13.88 -1.89
N ARG A 345 12.01 15.07 -1.48
CA ARG A 345 12.81 16.28 -1.69
C ARG A 345 13.49 16.74 -0.42
N GLY A 346 13.36 15.95 0.65
CA GLY A 346 13.98 16.26 1.93
C GLY A 346 13.65 17.64 2.45
N SER A 347 12.42 18.09 2.20
CA SER A 347 12.02 19.45 2.55
C SER A 347 11.45 19.55 3.97
N CYS A 348 11.36 18.43 4.65
CA CYS A 348 10.88 18.42 6.03
C CYS A 348 11.96 18.93 6.99
N GLY A 349 13.21 18.95 6.51
CA GLY A 349 14.34 19.32 7.33
C GLY A 349 15.25 18.13 7.53
N THR A 350 14.66 16.95 7.54
CA THR A 350 15.39 15.70 7.62
C THR A 350 16.05 15.43 6.25
N GLY A 351 16.55 14.23 6.05
CA GLY A 351 17.16 13.87 4.78
C GLY A 351 16.12 13.58 3.72
N LYS A 352 16.59 13.18 2.54
CA LYS A 352 15.69 12.74 1.48
C LYS A 352 15.11 11.38 1.87
N TYR A 353 13.80 11.21 1.64
CA TYR A 353 13.08 10.00 2.03
C TYR A 353 13.22 9.63 3.49
N PRO A 354 12.82 10.53 4.41
CA PRO A 354 13.02 10.28 5.84
C PRO A 354 12.29 9.04 6.35
N LEU A 355 11.10 8.76 5.81
CA LEU A 355 10.29 7.65 6.31
C LEU A 355 10.80 6.29 5.85
N ILE A 356 10.95 6.11 4.54
CA ILE A 356 11.39 4.84 3.99
C ILE A 356 12.84 4.55 4.39
N THR A 357 13.63 5.61 4.58
CA THR A 357 15.00 5.44 5.04
C THR A 357 15.04 5.03 6.50
N ALA A 358 14.11 5.57 7.29
CA ALA A 358 14.02 5.22 8.71
C ALA A 358 13.69 3.74 8.87
N MET A 359 12.73 3.27 8.09
CA MET A 359 12.35 1.86 8.13
C MET A 359 13.47 0.97 7.63
N LYS A 360 14.22 1.47 6.65
CA LYS A 360 15.27 0.67 6.03
C LYS A 360 16.45 0.45 6.98
N GLN A 361 16.88 1.50 7.67
CA GLN A 361 18.00 1.38 8.59
C GLN A 361 17.63 0.55 9.82
N GLU A 362 16.33 0.44 10.09
CA GLU A 362 15.85 -0.34 11.22
C GLU A 362 15.71 -1.82 10.85
N LEU A 363 15.50 -2.09 9.56
CA LEU A 363 15.40 -3.46 9.07
C LEU A 363 16.76 -4.02 8.70
N SER A 364 17.81 -3.23 8.97
CA SER A 364 19.17 -3.61 8.59
C SER A 364 19.71 -4.73 9.48
N GLY A 365 20.25 -5.77 8.85
CA GLY A 365 20.80 -6.90 9.57
C GLY A 365 19.77 -7.99 9.80
N TYR A 366 18.52 -7.68 9.53
CA TYR A 366 17.41 -8.58 9.79
C TYR A 366 17.30 -9.69 8.74
N LYS A 367 17.12 -10.92 9.21
CA LYS A 367 16.91 -12.07 8.35
C LYS A 367 15.61 -12.76 8.74
N VAL A 368 14.80 -13.14 7.75
CA VAL A 368 13.53 -13.79 8.03
C VAL A 368 13.74 -15.26 8.37
N LYS A 369 13.40 -15.64 9.59
CA LYS A 369 13.61 -17.00 10.01
C LYS A 369 12.73 -17.50 11.10
N LEU A 370 12.27 -18.74 10.98
CA LEU A 370 11.59 -19.45 12.05
C LEU A 370 12.17 -20.86 12.23
C1 NAG B . -5.39 1.50 -0.72
C2 NAG B . -5.38 1.37 -2.21
C3 NAG B . -5.17 2.63 -3.00
C4 NAG B . -5.56 3.90 -2.22
C5 NAG B . -4.99 3.88 -0.81
C6 NAG B . -5.86 4.52 0.26
C7 NAG B . -3.24 0.22 -2.09
C8 NAG B . -2.48 -0.96 -2.49
N2 NAG B . -4.41 0.40 -2.66
O1 NAG B . -6.73 1.74 -0.33
O3 NAG B . -5.88 2.43 -4.20
O4 NAG B . -4.99 5.02 -2.85
O5 NAG B . -4.57 2.58 -0.38
O6 NAG B . -7.19 4.87 -0.17
O7 NAG B . -2.81 0.95 -1.28
C1 NAG B . -6.02 5.78 -3.42
C2 NAG B . -5.56 7.20 -3.36
C3 NAG B . -6.62 8.01 -4.07
C4 NAG B . -6.72 7.59 -5.51
C5 NAG B . -7.15 6.14 -5.48
C6 NAG B . -7.23 5.50 -6.82
C7 NAG B . -4.15 7.75 -1.44
C8 NAG B . -4.16 8.01 0.01
N2 NAG B . -5.34 7.59 -2.00
O3 NAG B . -6.29 9.38 -3.94
O4 NAG B . -7.65 8.34 -6.24
O5 NAG B . -6.15 5.42 -4.78
O6 NAG B . -7.70 4.21 -6.54
O7 NAG B . -3.13 7.70 -2.05
C1 NAG B . -6.90 9.24 -7.05
C2 NAG B . -7.38 9.22 -8.49
C3 NAG B . -7.26 10.57 -9.22
C4 NAG B . -7.19 11.79 -8.34
C5 NAG B . -6.29 11.51 -7.17
C6 NAG B . -6.18 12.64 -6.19
C7 NAG B . -6.94 7.84 -10.35
C8 NAG B . -6.00 8.02 -11.48
N2 NAG B . -6.55 8.32 -9.21
O3 NAG B . -8.35 10.77 -10.10
O4 NAG B . -6.65 12.82 -9.14
O5 NAG B . -7.03 10.53 -6.50
O6 NAG B . -7.03 12.35 -5.10
O7 NAG B . -8.01 7.30 -10.45
C1 NAG C . -16.40 22.34 22.93
C2 NAG C . -17.72 23.11 23.05
C3 NAG C . -17.96 23.58 24.48
C4 NAG C . -17.84 22.41 25.45
C5 NAG C . -16.46 21.79 25.29
C6 NAG C . -16.23 20.60 26.19
C7 NAG C . -18.84 24.84 21.70
C8 NAG C . -18.65 26.00 20.77
N2 NAG C . -17.72 24.25 22.14
O3 NAG C . -19.26 24.16 24.59
O4 NAG C . -18.02 22.85 26.79
O5 NAG C . -16.33 21.32 23.94
O6 NAG C . -14.98 20.00 25.93
O7 NAG C . -19.95 24.45 22.02
C1 NAG D . -0.61 26.26 21.65
C2 NAG D . 0.83 26.68 21.87
C3 NAG D . 1.41 25.94 23.05
C4 NAG D . 0.55 26.25 24.28
C5 NAG D . -0.94 26.03 23.99
C6 NAG D . -1.86 26.47 25.10
C7 NAG D . 2.29 25.43 20.29
C8 NAG D . 3.16 25.56 19.06
N2 NAG D . 1.66 26.55 20.69
O3 NAG D . 2.75 26.34 23.26
O4 NAG D . 0.94 25.38 25.32
O5 NAG D . -1.40 26.69 22.79
O6 NAG D . -3.16 25.90 25.06
O7 NAG D . 2.15 24.34 20.85
#